data_2V8O
#
_entry.id   2V8O
#
_cell.length_a   42.516
_cell.length_b   76.414
_cell.length_c   70.609
_cell.angle_alpha   90.00
_cell.angle_beta   91.73
_cell.angle_gamma   90.00
#
_symmetry.space_group_name_H-M   'P 1 21 1'
#
loop_
_entity.id
_entity.type
_entity.pdbx_description
1 polymer 'FLAVIVIRIN PROTEASE NS3'
2 water water
#
_entity_poly.entity_id   1
_entity_poly.type   'polypeptide(L)'
_entity_poly.pdbx_seq_one_letter_code
;GPAYNPEMLKKRQLTVLDLHPGAGKTRRILPQIIKDAIQKRLRTAVLAPTRVVAAEMAEALRGLPVRYLTPAVQREHSGN
EIVDVMCHATLTHRLMSPLRVPNYNLFVMDEAHFTDPASIAARGYIATRVEAGEAAAIFMTATPPGTSDPFPDTNSPVHD
VSSEIPDRAWSSGFEWITDYAGKTVWFVASVKMSNEIAQCLQRAGKRVIQLNRKSYDTEYPKCKNGDWDFVITTDISEMG
ANFGASRVIDCRKSVKPTILDEGEGRVILSVPSAITSASAAQRRGRVGRNPSQIGDEYHYGGGTSEDDTMLAHWTEAKIL
LDNIHLPNGLVAQLYGPERDKTYTMDGEYRLRGEERKTFLELIKTADLPVWLAYKVASNGIQYNDRKWCFDGPRSNIILE
DNNEVEIITRIGERKVLKPRWLDARVYSDHQSLKWFKDFAAGKR
;
_entity_poly.pdbx_strand_id   A
#
# COMPACT_ATOMS: atom_id res chain seq x y z
N GLY A 1 9.41 20.54 2.52
CA GLY A 1 8.85 21.82 3.04
C GLY A 1 9.33 22.14 4.44
N PRO A 2 8.68 23.11 5.10
CA PRO A 2 9.03 23.50 6.48
C PRO A 2 8.91 22.39 7.53
N ALA A 3 9.55 22.64 8.67
CA ALA A 3 9.65 21.68 9.75
C ALA A 3 8.39 21.69 10.58
N TYR A 4 8.08 20.54 11.18
CA TYR A 4 6.89 20.40 12.04
C TYR A 4 6.84 21.51 13.09
N ASN A 5 5.64 22.06 13.27
CA ASN A 5 5.37 23.18 14.16
C ASN A 5 3.95 22.90 14.72
N PRO A 6 3.67 23.18 16.00
CA PRO A 6 2.30 22.98 16.54
C PRO A 6 1.15 23.71 15.82
N GLU A 7 1.42 24.79 15.09
CA GLU A 7 0.40 25.45 14.28
C GLU A 7 -0.31 24.42 13.38
N MET A 8 0.46 23.43 12.95
CA MET A 8 -0.02 22.38 12.04
C MET A 8 -1.08 21.46 12.65
N LEU A 9 -1.25 21.49 13.98
CA LEU A 9 -2.25 20.65 14.66
C LEU A 9 -3.62 21.32 14.79
N LYS A 10 -3.75 22.53 14.26
CA LYS A 10 -5.00 23.26 14.40
C LYS A 10 -5.97 22.94 13.27
N LYS A 11 -7.26 22.97 13.62
CA LYS A 11 -8.35 22.64 12.68
C LYS A 11 -8.21 23.39 11.38
N ARG A 12 -8.51 22.71 10.27
CA ARG A 12 -8.38 23.22 8.88
C ARG A 12 -6.97 23.12 8.30
N GLN A 13 -6.00 22.71 9.09
CA GLN A 13 -4.63 22.61 8.61
C GLN A 13 -4.43 21.21 8.01
N LEU A 14 -3.91 21.15 6.79
CA LEU A 14 -3.43 19.91 6.21
C LEU A 14 -2.03 20.16 5.71
N THR A 15 -1.08 19.43 6.26
CA THR A 15 0.35 19.66 6.02
C THR A 15 0.99 18.37 5.55
N VAL A 16 1.78 18.45 4.48
CA VAL A 16 2.62 17.34 4.05
C VAL A 16 4.05 17.57 4.55
N LEU A 17 4.53 16.69 5.41
CA LEU A 17 5.89 16.79 5.91
C LEU A 17 6.76 15.85 5.11
N ASP A 18 7.80 16.45 4.52
CA ASP A 18 8.68 15.78 3.58
C ASP A 18 9.84 15.33 4.42
N LEU A 19 9.68 14.16 5.01
CA LEU A 19 10.60 13.66 6.01
C LEU A 19 11.31 12.42 5.48
N HIS A 20 12.63 12.45 5.60
CA HIS A 20 13.52 11.50 4.92
C HIS A 20 14.27 10.63 5.92
N PRO A 21 14.76 9.45 5.48
CA PRO A 21 15.56 8.58 6.33
C PRO A 21 16.66 9.28 7.13
N GLY A 22 17.02 8.71 8.27
CA GLY A 22 18.01 9.30 9.17
C GLY A 22 17.32 9.97 10.34
N ALA A 23 17.41 11.30 10.39
CA ALA A 23 16.78 12.09 11.45
C ALA A 23 15.43 12.65 10.96
N GLY A 24 14.33 12.38 11.67
CA GLY A 24 14.26 11.47 12.83
C GLY A 24 12.79 11.19 13.12
N LYS A 25 12.11 10.74 12.07
CA LYS A 25 10.65 10.77 11.98
C LYS A 25 9.91 9.92 13.03
N THR A 26 10.19 8.64 13.09
CA THR A 26 9.44 7.74 13.97
C THR A 26 9.83 7.92 15.44
N ARG A 27 11.13 8.13 15.70
CA ARG A 27 11.63 8.21 17.07
C ARG A 27 11.76 9.62 17.64
N ARG A 28 11.69 10.65 16.79
CA ARG A 28 11.77 12.05 17.26
C ARG A 28 10.63 12.95 16.79
N ILE A 29 10.34 12.98 15.50
CA ILE A 29 9.26 13.86 15.03
C ILE A 29 7.90 13.33 15.51
N LEU A 30 7.59 12.08 15.21
CA LEU A 30 6.28 11.54 15.58
C LEU A 30 6.01 11.67 17.08
N PRO A 31 6.96 11.26 17.94
CA PRO A 31 6.72 11.45 19.37
C PRO A 31 6.43 12.89 19.78
N GLN A 32 7.08 13.87 19.14
CA GLN A 32 6.83 15.27 19.47
C GLN A 32 5.44 15.74 19.02
N ILE A 33 5.03 15.29 17.85
CA ILE A 33 3.67 15.58 17.35
C ILE A 33 2.65 15.06 18.36
N ILE A 34 2.84 13.81 18.79
CA ILE A 34 1.87 13.18 19.70
C ILE A 34 1.90 13.86 21.08
N LYS A 35 3.08 14.24 21.58
CA LYS A 35 3.16 15.01 22.82
C LYS A 35 2.41 16.33 22.70
N ASP A 36 2.59 17.02 21.59
CA ASP A 36 1.88 18.28 21.35
C ASP A 36 0.38 18.07 21.23
N ALA A 37 -0.04 16.95 20.64
CA ALA A 37 -1.47 16.66 20.48
C ALA A 37 -2.12 16.41 21.83
N ILE A 38 -1.46 15.58 22.64
CA ILE A 38 -1.93 15.32 23.99
C ILE A 38 -1.99 16.61 24.83
N GLN A 39 -0.96 17.46 24.72
CA GLN A 39 -0.94 18.73 25.44
C GLN A 39 -2.16 19.60 25.09
N LYS A 40 -2.62 19.51 23.85
CA LYS A 40 -3.78 20.29 23.41
C LYS A 40 -5.08 19.49 23.47
N ARG A 41 -5.03 18.31 24.09
CA ARG A 41 -6.19 17.44 24.27
C ARG A 41 -6.87 17.05 22.94
N LEU A 42 -6.08 16.85 21.91
CA LEU A 42 -6.62 16.49 20.59
C LEU A 42 -6.85 14.99 20.46
N ARG A 43 -8.04 14.62 20.02
CA ARG A 43 -8.38 13.25 19.74
C ARG A 43 -7.72 12.83 18.43
N THR A 44 -6.77 11.93 18.51
CA THR A 44 -5.79 11.71 17.43
C THR A 44 -5.78 10.28 16.88
N ALA A 45 -5.81 10.18 15.56
CA ALA A 45 -5.63 8.92 14.84
C ALA A 45 -4.27 8.92 14.15
N VAL A 46 -3.42 7.98 14.52
CA VAL A 46 -2.11 7.79 13.89
C VAL A 46 -2.21 6.56 12.98
N LEU A 47 -1.87 6.74 11.71
CA LEU A 47 -2.13 5.75 10.68
C LEU A 47 -0.86 5.23 9.99
N ALA A 48 -0.61 3.94 10.15
CA ALA A 48 0.58 3.30 9.59
C ALA A 48 0.17 2.57 8.30
N PRO A 49 1.06 2.51 7.29
CA PRO A 49 0.70 1.75 6.08
C PRO A 49 0.50 0.26 6.30
N THR A 50 1.27 -0.30 7.25
CA THR A 50 1.33 -1.74 7.52
C THR A 50 1.40 -2.01 9.02
N ARG A 51 1.06 -3.25 9.39
CA ARG A 51 1.15 -3.70 10.76
C ARG A 51 2.57 -3.57 11.30
N VAL A 52 3.55 -3.79 10.43
CA VAL A 52 4.94 -3.67 10.79
C VAL A 52 5.28 -2.27 11.26
N VAL A 53 4.88 -1.27 10.46
CA VAL A 53 5.11 0.12 10.87
C VAL A 53 4.29 0.46 12.13
N ALA A 54 3.07 -0.06 12.25
CA ALA A 54 2.25 0.22 13.42
C ALA A 54 2.96 -0.27 14.70
N ALA A 55 3.64 -1.41 14.60
CA ALA A 55 4.44 -1.95 15.72
C ALA A 55 5.65 -1.08 16.04
N GLU A 56 6.29 -0.56 15.00
CA GLU A 56 7.42 0.36 15.16
C GLU A 56 6.98 1.64 15.84
N MET A 57 5.81 2.16 15.48
CA MET A 57 5.25 3.32 16.18
C MET A 57 5.04 3.04 17.65
N ALA A 58 4.53 1.85 17.97
CA ALA A 58 4.30 1.43 19.36
C ALA A 58 5.59 1.48 20.18
N GLU A 59 6.66 0.99 19.59
CA GLU A 59 7.99 1.09 20.16
C GLU A 59 8.39 2.56 20.39
N ALA A 60 8.14 3.41 19.40
CA ALA A 60 8.55 4.82 19.50
C ALA A 60 7.73 5.63 20.51
N LEU A 61 6.48 5.21 20.74
CA LEU A 61 5.56 5.99 21.56
C LEU A 61 5.37 5.43 22.97
N ARG A 62 6.20 4.46 23.32
CA ARG A 62 6.25 3.99 24.72
C ARG A 62 6.39 5.18 25.69
N GLY A 63 5.57 5.18 26.73
CA GLY A 63 5.58 6.24 27.74
C GLY A 63 4.45 7.24 27.56
N LEU A 64 3.79 7.15 26.41
CA LEU A 64 2.57 7.93 26.16
C LEU A 64 1.33 7.04 26.20
N PRO A 65 0.20 7.61 26.64
CA PRO A 65 -1.04 6.87 26.67
C PRO A 65 -1.66 6.77 25.27
N VAL A 66 -1.35 5.67 24.60
CA VAL A 66 -1.72 5.43 23.21
C VAL A 66 -2.43 4.08 23.18
N ARG A 67 -3.54 4.02 22.45
CA ARG A 67 -4.27 2.78 22.24
C ARG A 67 -3.86 2.21 20.89
N TYR A 68 -3.50 0.93 20.86
CA TYR A 68 -3.13 0.26 19.62
C TYR A 68 -4.29 -0.60 19.14
N LEU A 69 -4.85 -0.20 18.01
CA LEU A 69 -6.00 -0.87 17.41
C LEU A 69 -5.55 -1.74 16.24
N THR A 70 -4.61 -2.64 16.51
CA THR A 70 -4.12 -3.58 15.51
C THR A 70 -3.56 -4.83 16.20
N PRO A 71 -3.82 -6.03 15.64
CA PRO A 71 -3.41 -7.25 16.34
C PRO A 71 -1.94 -7.60 16.10
N ARG A 75 -1.39 -6.57 25.39
CA ARG A 75 -2.00 -5.57 24.54
C ARG A 75 -3.19 -4.89 25.22
N GLU A 76 -2.92 -4.29 26.39
CA GLU A 76 -3.95 -3.69 27.22
C GLU A 76 -3.94 -2.18 27.20
N HIS A 77 -5.04 -1.59 27.70
CA HIS A 77 -5.22 -0.16 27.68
C HIS A 77 -6.10 0.31 28.83
N SER A 78 -6.00 1.60 29.16
CA SER A 78 -6.77 2.20 30.24
C SER A 78 -8.20 2.50 29.83
N GLY A 79 -8.42 2.75 28.54
CA GLY A 79 -9.71 3.20 28.03
C GLY A 79 -9.86 4.71 28.06
N ASN A 80 -8.86 5.40 28.59
CA ASN A 80 -8.88 6.85 28.68
C ASN A 80 -7.97 7.54 27.66
N GLU A 81 -7.24 6.76 26.88
CA GLU A 81 -6.32 7.36 25.90
C GLU A 81 -7.10 8.03 24.76
N ILE A 82 -6.53 9.12 24.26
CA ILE A 82 -7.15 9.92 23.22
C ILE A 82 -6.34 9.85 21.91
N VAL A 83 -5.21 9.12 21.92
CA VAL A 83 -4.43 8.83 20.71
C VAL A 83 -4.58 7.34 20.38
N ASP A 84 -4.98 7.07 19.14
CA ASP A 84 -5.16 5.72 18.63
C ASP A 84 -4.19 5.46 17.48
N VAL A 85 -3.46 4.36 17.53
CA VAL A 85 -2.59 3.93 16.41
C VAL A 85 -3.21 2.74 15.67
N MET A 86 -3.33 2.85 14.35
CA MET A 86 -3.89 1.77 13.52
C MET A 86 -3.28 1.79 12.12
N CYS A 87 -3.69 0.84 11.27
CA CYS A 87 -3.29 0.88 9.85
C CYS A 87 -4.21 1.81 9.06
N HIS A 88 -3.72 2.30 7.92
CA HIS A 88 -4.55 3.16 7.04
C HIS A 88 -5.89 2.46 6.80
N ALA A 89 -5.81 1.17 6.49
CA ALA A 89 -6.98 0.39 6.07
C ALA A 89 -7.95 0.15 7.20
N THR A 90 -7.42 0.04 8.42
CA THR A 90 -8.25 -0.09 9.61
C THR A 90 -9.20 1.09 9.79
N LEU A 91 -8.73 2.30 9.55
CA LEU A 91 -9.61 3.47 9.66
C LEU A 91 -10.71 3.40 8.62
N THR A 92 -10.33 3.14 7.37
CA THR A 92 -11.30 3.06 6.27
C THR A 92 -12.32 1.97 6.56
N HIS A 93 -11.81 0.79 6.94
CA HIS A 93 -12.68 -0.35 7.22
C HIS A 93 -13.64 -0.07 8.37
N ARG A 94 -13.19 0.67 9.37
CA ARG A 94 -14.06 1.04 10.49
C ARG A 94 -15.13 2.03 10.06
N LEU A 95 -14.75 2.98 9.20
CA LEU A 95 -15.68 4.00 8.72
C LEU A 95 -16.78 3.43 7.82
N MET A 96 -16.54 2.25 7.26
CA MET A 96 -17.53 1.56 6.43
C MET A 96 -18.49 0.68 7.23
N SER A 97 -18.22 0.54 8.54
CA SER A 97 -19.08 -0.27 9.41
C SER A 97 -19.97 0.63 10.26
N PRO A 98 -21.10 0.11 10.75
CA PRO A 98 -22.00 0.96 11.53
C PRO A 98 -21.45 1.31 12.92
N LEU A 99 -20.40 0.61 13.35
CA LEU A 99 -19.77 0.87 14.63
C LEU A 99 -19.17 2.28 14.68
N ARG A 100 -19.29 2.91 15.84
CA ARG A 100 -18.99 4.32 16.01
C ARG A 100 -17.50 4.63 15.87
N VAL A 101 -17.19 5.64 15.07
CA VAL A 101 -15.82 6.10 14.91
C VAL A 101 -15.65 7.38 15.73
N PRO A 102 -14.58 7.46 16.54
CA PRO A 102 -14.39 8.68 17.32
C PRO A 102 -14.31 9.92 16.43
N ASN A 103 -14.62 11.07 17.01
CA ASN A 103 -14.53 12.33 16.30
C ASN A 103 -13.09 12.84 16.39
N TYR A 104 -12.22 12.23 15.58
CA TYR A 104 -10.80 12.62 15.59
C TYR A 104 -10.64 14.08 15.16
N ASN A 105 -9.88 14.81 15.98
CA ASN A 105 -9.48 16.21 15.77
C ASN A 105 -8.17 16.31 15.00
N LEU A 106 -7.39 15.22 15.01
CA LEU A 106 -6.09 15.18 14.37
C LEU A 106 -5.84 13.83 13.74
N PHE A 107 -5.39 13.86 12.49
CA PHE A 107 -4.95 12.65 11.81
C PHE A 107 -3.49 12.77 11.45
N VAL A 108 -2.72 11.74 11.73
CA VAL A 108 -1.32 11.72 11.33
C VAL A 108 -1.13 10.45 10.50
N MET A 109 -0.89 10.62 9.21
CA MET A 109 -0.71 9.48 8.29
C MET A 109 0.75 9.34 7.88
N ASP A 110 1.34 8.22 8.26
CA ASP A 110 2.70 7.89 7.85
C ASP A 110 2.68 7.20 6.48
N GLU A 111 3.75 7.42 5.72
CA GLU A 111 3.93 6.87 4.38
C GLU A 111 2.70 7.15 3.54
N ALA A 112 2.34 8.42 3.50
CA ALA A 112 1.06 8.88 2.96
C ALA A 112 0.97 8.85 1.45
N HIS A 113 2.03 8.39 0.78
CA HIS A 113 2.04 8.19 -0.69
C HIS A 113 1.44 6.84 -1.12
N PHE A 114 1.15 5.97 -0.15
CA PHE A 114 0.62 4.62 -0.39
C PHE A 114 -0.65 4.70 -1.23
N THR A 115 -0.66 4.02 -2.37
CA THR A 115 -1.81 4.08 -3.31
C THR A 115 -2.73 2.84 -3.23
N ASP A 116 -2.64 2.11 -2.12
CA ASP A 116 -3.64 1.09 -1.78
C ASP A 116 -4.99 1.81 -1.74
N PRO A 117 -6.03 1.20 -2.32
CA PRO A 117 -7.35 1.85 -2.35
C PRO A 117 -7.85 2.39 -1.01
N ALA A 118 -7.63 1.65 0.07
CA ALA A 118 -8.10 2.06 1.38
C ALA A 118 -7.28 3.26 1.92
N SER A 119 -6.01 3.37 1.51
CA SER A 119 -5.15 4.51 1.88
C SER A 119 -5.64 5.78 1.15
N ILE A 120 -5.94 5.64 -0.13
CA ILE A 120 -6.50 6.74 -0.90
C ILE A 120 -7.83 7.22 -0.30
N ALA A 121 -8.70 6.25 0.01
CA ALA A 121 -9.99 6.54 0.62
C ALA A 121 -9.81 7.25 1.98
N ALA A 122 -8.88 6.76 2.80
CA ALA A 122 -8.62 7.40 4.09
C ALA A 122 -8.23 8.87 3.90
N ARG A 123 -7.34 9.13 2.95
CA ARG A 123 -6.92 10.50 2.70
C ARG A 123 -8.09 11.40 2.27
N GLY A 124 -9.01 10.85 1.49
CA GLY A 124 -10.18 11.62 1.05
C GLY A 124 -11.09 11.98 2.20
N TYR A 125 -11.37 10.99 3.06
CA TYR A 125 -12.14 11.20 4.26
C TYR A 125 -11.47 12.24 5.14
N ILE A 126 -10.18 12.03 5.39
CA ILE A 126 -9.41 12.97 6.21
C ILE A 126 -9.46 14.39 5.62
N ALA A 127 -9.14 14.52 4.32
CA ALA A 127 -9.10 15.83 3.67
C ALA A 127 -10.46 16.51 3.75
N THR A 128 -11.51 15.71 3.62
CA THR A 128 -12.88 16.23 3.69
C THR A 128 -13.17 16.81 5.09
N ARG A 129 -12.83 16.06 6.12
CA ARG A 129 -13.00 16.51 7.50
C ARG A 129 -12.18 17.78 7.80
N VAL A 130 -10.96 17.84 7.27
CA VAL A 130 -10.11 19.02 7.43
C VAL A 130 -10.68 20.25 6.73
N GLU A 131 -11.10 20.08 5.48
CA GLU A 131 -11.66 21.17 4.68
C GLU A 131 -12.92 21.73 5.34
N ALA A 132 -13.69 20.86 5.98
CA ALA A 132 -14.91 21.23 6.70
C ALA A 132 -14.66 21.89 8.05
N GLY A 133 -13.38 21.99 8.45
CA GLY A 133 -12.97 22.63 9.69
C GLY A 133 -13.05 21.74 10.93
N GLU A 134 -13.23 20.45 10.74
CA GLU A 134 -13.48 19.52 11.86
C GLU A 134 -12.20 18.87 12.37
N ALA A 135 -11.11 19.03 11.63
CA ALA A 135 -9.88 18.35 11.97
C ALA A 135 -8.66 18.98 11.34
N ALA A 136 -7.49 18.59 11.87
CA ALA A 136 -6.18 18.85 11.28
C ALA A 136 -5.60 17.53 10.78
N ALA A 137 -4.70 17.63 9.79
CA ALA A 137 -4.03 16.45 9.26
C ALA A 137 -2.56 16.75 8.95
N ILE A 138 -1.72 15.79 9.31
CA ILE A 138 -0.33 15.75 8.88
C ILE A 138 -0.11 14.44 8.09
N PHE A 139 0.33 14.58 6.84
CA PHE A 139 0.66 13.45 5.98
C PHE A 139 2.18 13.44 5.87
N MET A 140 2.80 12.32 6.23
CA MET A 140 4.27 12.24 6.20
C MET A 140 4.70 11.35 5.04
N THR A 141 5.54 11.87 4.18
CA THR A 141 6.10 11.11 3.04
C THR A 141 7.34 11.78 2.47
N ALA A 142 8.28 10.96 2.05
CA ALA A 142 9.46 11.45 1.31
C ALA A 142 9.13 11.85 -0.11
N THR A 143 7.93 11.49 -0.60
CA THR A 143 7.49 11.85 -1.94
C THR A 143 6.10 12.50 -1.91
N PRO A 144 6.04 13.77 -1.48
CA PRO A 144 4.77 14.49 -1.46
C PRO A 144 4.17 14.62 -2.84
N PRO A 145 2.89 15.02 -2.90
CA PRO A 145 2.28 15.35 -4.17
C PRO A 145 3.15 16.31 -4.97
N GLY A 146 3.26 16.08 -6.27
CA GLY A 146 4.08 16.91 -7.15
C GLY A 146 5.56 16.55 -7.22
N THR A 147 5.95 15.46 -6.57
CA THR A 147 7.33 15.00 -6.64
C THR A 147 7.63 14.61 -8.09
N SER A 148 8.77 15.07 -8.58
CA SER A 148 9.19 14.76 -9.94
C SER A 148 10.63 14.24 -10.04
N ASP A 149 11.37 14.23 -8.93
CA ASP A 149 12.81 13.93 -8.92
C ASP A 149 13.03 12.46 -8.54
N PRO A 150 13.50 11.63 -9.48
CA PRO A 150 13.79 10.24 -9.12
C PRO A 150 15.08 10.07 -8.36
N PHE A 151 15.92 11.11 -8.34
CA PHE A 151 17.27 11.02 -7.78
C PHE A 151 17.51 12.11 -6.72
N PRO A 152 16.69 12.14 -5.66
CA PRO A 152 16.90 13.19 -4.64
C PRO A 152 18.22 13.04 -3.89
N ASP A 153 18.70 14.13 -3.30
CA ASP A 153 19.82 14.07 -2.37
C ASP A 153 19.53 13.04 -1.29
N THR A 154 20.58 12.35 -0.83
CA THR A 154 20.46 11.31 0.17
C THR A 154 21.45 11.57 1.33
N ASN A 155 21.37 10.80 2.39
CA ASN A 155 22.31 10.90 3.53
C ASN A 155 23.71 10.47 3.19
N SER A 156 23.80 9.51 2.28
CA SER A 156 25.06 8.98 1.83
C SER A 156 24.94 8.87 0.31
N PRO A 157 26.02 9.18 -0.43
CA PRO A 157 25.94 9.13 -1.89
C PRO A 157 25.49 7.78 -2.46
N VAL A 158 24.72 7.85 -3.53
CA VAL A 158 24.27 6.65 -4.22
C VAL A 158 24.83 6.68 -5.63
N HIS A 159 25.37 5.56 -6.09
CA HIS A 159 25.81 5.44 -7.48
C HIS A 159 24.62 5.03 -8.34
N ASP A 160 24.10 6.00 -9.10
CA ASP A 160 22.97 5.79 -9.97
C ASP A 160 23.43 5.29 -11.33
N VAL A 161 22.97 4.09 -11.71
CA VAL A 161 23.46 3.39 -12.88
C VAL A 161 22.31 2.92 -13.75
N SER A 162 22.33 3.33 -15.02
CA SER A 162 21.36 2.83 -15.98
C SER A 162 21.82 1.42 -16.40
N SER A 163 20.97 0.43 -16.17
CA SER A 163 21.30 -0.98 -16.45
C SER A 163 20.11 -1.77 -16.97
N GLU A 164 20.37 -2.65 -17.94
CA GLU A 164 19.36 -3.63 -18.39
C GLU A 164 19.08 -4.62 -17.26
N ILE A 165 17.83 -4.70 -16.83
CA ILE A 165 17.42 -5.56 -15.74
C ILE A 165 16.56 -6.70 -16.29
N PRO A 166 16.89 -7.96 -15.93
CA PRO A 166 16.06 -9.08 -16.35
C PRO A 166 14.60 -8.96 -15.88
N ASP A 167 13.67 -9.37 -16.74
CA ASP A 167 12.28 -9.43 -16.36
C ASP A 167 11.80 -10.87 -16.27
N ARG A 168 12.75 -11.80 -16.36
CA ARG A 168 12.49 -13.24 -16.41
C ARG A 168 13.76 -13.95 -15.98
N ALA A 169 13.69 -15.27 -15.82
CA ALA A 169 14.89 -16.05 -15.57
C ALA A 169 15.88 -15.93 -16.73
N TRP A 170 17.16 -16.03 -16.41
CA TRP A 170 18.24 -16.01 -17.39
C TRP A 170 19.17 -17.18 -17.11
N SER A 171 19.85 -17.66 -18.14
CA SER A 171 20.83 -18.75 -18.00
C SER A 171 22.24 -18.32 -18.40
N SER A 172 22.40 -17.08 -18.86
CA SER A 172 23.70 -16.52 -19.14
C SER A 172 23.65 -15.00 -19.08
N GLY A 173 24.82 -14.39 -18.97
CA GLY A 173 24.92 -12.96 -18.88
C GLY A 173 24.49 -12.50 -17.49
N PHE A 174 24.33 -11.20 -17.34
CA PHE A 174 23.97 -10.56 -16.06
C PHE A 174 24.85 -11.02 -14.91
N GLU A 175 26.14 -11.22 -15.21
CA GLU A 175 27.08 -11.70 -14.23
C GLU A 175 27.23 -10.68 -13.10
N TRP A 176 27.08 -9.41 -13.44
CA TRP A 176 27.17 -8.31 -12.45
C TRP A 176 26.13 -8.42 -11.35
N ILE A 177 24.99 -9.03 -11.66
CA ILE A 177 23.95 -9.28 -10.66
C ILE A 177 24.42 -10.30 -9.64
N THR A 178 24.86 -11.45 -10.12
CA THR A 178 25.14 -12.60 -9.23
C THR A 178 26.56 -12.59 -8.65
N ASP A 179 27.50 -11.89 -9.31
CA ASP A 179 28.87 -11.73 -8.76
C ASP A 179 28.94 -10.81 -7.55
N TYR A 180 27.96 -9.91 -7.45
CA TYR A 180 27.90 -8.92 -6.36
C TYR A 180 27.98 -9.58 -5.00
N ALA A 181 28.88 -9.07 -4.16
CA ALA A 181 29.22 -9.67 -2.90
C ALA A 181 28.28 -9.28 -1.76
N GLY A 182 27.58 -8.16 -1.89
CA GLY A 182 26.70 -7.66 -0.82
C GLY A 182 25.24 -8.06 -0.95
N LYS A 183 24.38 -7.28 -0.30
CA LYS A 183 22.94 -7.50 -0.29
C LYS A 183 22.23 -6.55 -1.27
N THR A 184 21.30 -7.14 -2.02
CA THR A 184 20.53 -6.48 -3.04
C THR A 184 19.05 -6.55 -2.72
N VAL A 185 18.38 -5.40 -2.88
CA VAL A 185 16.93 -5.34 -2.88
C VAL A 185 16.52 -5.09 -4.33
N TRP A 186 15.73 -6.00 -4.88
CA TRP A 186 15.37 -5.95 -6.29
C TRP A 186 13.87 -5.77 -6.37
N PHE A 187 13.45 -4.61 -6.90
CA PHE A 187 12.02 -4.33 -7.13
C PHE A 187 11.60 -4.89 -8.48
N VAL A 188 10.61 -5.78 -8.45
CA VAL A 188 10.05 -6.41 -9.64
C VAL A 188 8.63 -5.89 -9.85
N ALA A 189 8.08 -6.17 -11.04
CA ALA A 189 6.80 -5.59 -11.47
C ALA A 189 5.58 -6.31 -10.95
N SER A 190 5.78 -7.55 -10.46
CA SER A 190 4.69 -8.43 -10.05
C SER A 190 5.19 -9.56 -9.19
N VAL A 191 4.26 -10.22 -8.51
CA VAL A 191 4.54 -11.42 -7.74
C VAL A 191 5.00 -12.57 -8.63
N LYS A 192 4.40 -12.66 -9.81
CA LYS A 192 4.75 -13.67 -10.82
C LYS A 192 6.22 -13.49 -11.22
N MET A 193 6.58 -12.24 -11.50
CA MET A 193 7.99 -11.90 -11.79
C MET A 193 8.88 -12.20 -10.59
N SER A 194 8.42 -11.82 -9.38
CA SER A 194 9.14 -12.15 -8.15
C SER A 194 9.48 -13.62 -8.09
N ASN A 195 8.49 -14.49 -8.32
CA ASN A 195 8.70 -15.94 -8.13
C ASN A 195 9.73 -16.45 -9.14
N GLU A 196 9.61 -15.98 -10.38
CA GLU A 196 10.51 -16.41 -11.47
C GLU A 196 11.94 -15.93 -11.26
N ILE A 197 12.11 -14.67 -10.83
CA ILE A 197 13.43 -14.11 -10.56
C ILE A 197 14.04 -14.80 -9.34
N ALA A 198 13.25 -14.93 -8.28
CA ALA A 198 13.71 -15.52 -7.03
C ALA A 198 14.21 -16.97 -7.22
N GLN A 199 13.44 -17.76 -7.95
CA GLN A 199 13.81 -19.17 -8.20
C GLN A 199 15.09 -19.26 -9.06
N CYS A 200 15.24 -18.36 -10.03
CA CYS A 200 16.46 -18.29 -10.83
C CYS A 200 17.70 -18.02 -9.96
N LEU A 201 17.59 -17.04 -9.06
CA LEU A 201 18.68 -16.72 -8.13
C LEU A 201 18.97 -17.85 -7.14
N GLN A 202 17.92 -18.51 -6.68
CA GLN A 202 18.06 -19.68 -5.79
C GLN A 202 18.80 -20.84 -6.48
N ARG A 203 18.42 -21.14 -7.72
CA ARG A 203 19.15 -22.11 -8.52
C ARG A 203 20.63 -21.70 -8.70
N ALA A 204 20.88 -20.39 -8.72
CA ALA A 204 22.25 -19.85 -8.73
C ALA A 204 22.92 -19.86 -7.35
N GLY A 205 22.30 -20.50 -6.36
CA GLY A 205 22.86 -20.59 -5.00
C GLY A 205 22.60 -19.41 -4.06
N LYS A 206 21.78 -18.45 -4.46
CA LYS A 206 21.51 -17.28 -3.62
C LYS A 206 20.42 -17.53 -2.60
N ARG A 207 20.57 -16.91 -1.43
CA ARG A 207 19.54 -16.94 -0.39
C ARG A 207 18.58 -15.78 -0.66
N VAL A 208 17.30 -16.09 -0.81
CA VAL A 208 16.34 -15.12 -1.33
C VAL A 208 15.10 -15.02 -0.44
N ILE A 209 14.66 -13.79 -0.20
CA ILE A 209 13.40 -13.51 0.51
C ILE A 209 12.48 -12.75 -0.45
N GLN A 210 11.21 -13.16 -0.53
CA GLN A 210 10.27 -12.50 -1.42
C GLN A 210 9.26 -11.72 -0.62
N LEU A 211 9.16 -10.43 -0.90
CA LEU A 211 8.23 -9.56 -0.21
C LEU A 211 7.14 -9.10 -1.18
N ASN A 212 5.91 -9.29 -0.75
CA ASN A 212 4.76 -8.75 -1.44
C ASN A 212 3.67 -8.49 -0.38
N ARG A 213 2.58 -7.91 -0.82
CA ARG A 213 1.49 -7.56 0.09
C ARG A 213 1.14 -8.72 1.03
N LYS A 214 1.04 -9.94 0.50
CA LYS A 214 0.65 -11.10 1.29
C LYS A 214 1.76 -11.58 2.24
N SER A 215 2.99 -11.59 1.75
CA SER A 215 4.09 -12.19 2.51
C SER A 215 4.72 -11.24 3.54
N TYR A 216 4.46 -9.94 3.41
CA TYR A 216 5.27 -8.91 4.07
C TYR A 216 5.35 -9.07 5.59
N ASP A 217 4.20 -9.25 6.22
CA ASP A 217 4.13 -9.30 7.70
C ASP A 217 5.00 -10.41 8.29
N THR A 218 5.07 -11.56 7.60
CA THR A 218 5.85 -12.69 8.09
C THR A 218 7.28 -12.68 7.54
N GLU A 219 7.46 -12.26 6.28
CA GLU A 219 8.78 -12.36 5.64
C GLU A 219 9.68 -11.14 5.93
N TYR A 220 9.11 -9.94 6.01
CA TYR A 220 9.92 -8.74 6.24
C TYR A 220 10.70 -8.75 7.55
N PRO A 221 10.07 -9.19 8.65
CA PRO A 221 10.85 -9.32 9.88
C PRO A 221 12.08 -10.24 9.77
N LYS A 222 12.06 -11.20 8.86
CA LYS A 222 13.23 -12.06 8.63
C LYS A 222 14.45 -11.34 8.05
N CYS A 223 14.24 -10.20 7.38
CA CYS A 223 15.35 -9.45 6.82
C CYS A 223 16.33 -8.98 7.89
N LYS A 224 15.81 -8.62 9.06
CA LYS A 224 16.63 -8.06 10.14
C LYS A 224 17.87 -8.91 10.43
N ASN A 225 17.69 -10.22 10.45
CA ASN A 225 18.76 -11.20 10.76
C ASN A 225 19.98 -11.18 9.82
N GLY A 226 19.79 -10.66 8.62
CA GLY A 226 20.90 -10.50 7.69
C GLY A 226 21.24 -11.76 6.91
N ASP A 227 20.42 -12.79 7.08
CA ASP A 227 20.69 -14.12 6.52
C ASP A 227 20.12 -14.24 5.11
N TRP A 228 20.55 -13.35 4.21
CA TRP A 228 20.01 -13.29 2.86
C TRP A 228 20.93 -12.52 1.91
N ASP A 229 20.85 -12.87 0.63
CA ASP A 229 21.58 -12.18 -0.44
C ASP A 229 20.69 -11.23 -1.23
N PHE A 230 19.49 -11.70 -1.60
CA PHE A 230 18.51 -10.86 -2.30
C PHE A 230 17.20 -10.80 -1.54
N VAL A 231 16.63 -9.60 -1.49
CA VAL A 231 15.22 -9.43 -1.24
C VAL A 231 14.63 -9.13 -2.59
N ILE A 232 13.67 -9.93 -3.04
CA ILE A 232 12.96 -9.67 -4.27
C ILE A 232 11.58 -9.17 -3.87
N THR A 233 11.24 -7.95 -4.29
CA THR A 233 10.07 -7.27 -3.73
C THR A 233 9.23 -6.54 -4.75
N THR A 234 7.93 -6.53 -4.47
CA THR A 234 7.02 -5.67 -5.18
C THR A 234 7.11 -4.26 -4.56
N ASP A 235 6.27 -3.36 -5.07
CA ASP A 235 6.11 -2.01 -4.55
C ASP A 235 5.75 -1.91 -3.07
N ILE A 236 5.39 -3.03 -2.43
CA ILE A 236 5.04 -2.98 -0.99
C ILE A 236 6.18 -2.46 -0.12
N SER A 237 7.44 -2.64 -0.57
CA SER A 237 8.59 -2.21 0.21
C SER A 237 8.86 -0.69 0.10
N GLU A 238 8.03 0.01 -0.69
CA GLU A 238 8.08 1.46 -0.78
C GLU A 238 7.42 2.19 0.39
N MET A 239 6.84 1.44 1.33
CA MET A 239 6.08 1.98 2.45
C MET A 239 6.79 1.88 3.81
N GLY A 240 8.11 2.07 3.81
CA GLY A 240 8.87 2.20 5.05
C GLY A 240 9.82 1.07 5.37
N ALA A 241 10.01 0.15 4.42
CA ALA A 241 10.95 -0.96 4.60
C ALA A 241 12.37 -0.44 4.79
N ASN A 242 13.08 -1.00 5.78
CA ASN A 242 14.45 -0.63 6.09
C ASN A 242 15.32 -1.87 5.96
N PHE A 243 16.13 -1.94 4.92
CA PHE A 243 16.99 -3.07 4.68
C PHE A 243 18.44 -2.70 5.00
N GLY A 244 19.25 -3.66 5.39
CA GLY A 244 20.66 -3.36 5.57
C GLY A 244 21.41 -3.64 4.27
N ALA A 245 20.93 -3.08 3.16
CA ALA A 245 21.42 -3.46 1.84
C ALA A 245 22.34 -2.37 1.29
N SER A 246 23.15 -2.74 0.32
CA SER A 246 24.03 -1.79 -0.34
C SER A 246 23.68 -1.56 -1.82
N ARG A 247 22.79 -2.38 -2.38
CA ARG A 247 22.37 -2.25 -3.77
C ARG A 247 20.86 -2.40 -3.96
N VAL A 248 20.28 -1.51 -4.75
CA VAL A 248 18.94 -1.69 -5.22
C VAL A 248 19.02 -1.93 -6.73
N ILE A 249 18.31 -2.95 -7.17
CA ILE A 249 17.98 -3.14 -8.59
C ILE A 249 16.49 -2.80 -8.77
N ASP A 250 16.19 -1.98 -9.77
CA ASP A 250 14.82 -1.53 -9.99
C ASP A 250 14.48 -1.65 -11.48
N CYS A 251 13.59 -2.58 -11.81
CA CYS A 251 13.10 -2.72 -13.17
C CYS A 251 12.35 -1.48 -13.66
N ARG A 252 11.97 -0.60 -12.73
CA ARG A 252 11.33 0.70 -13.05
C ARG A 252 9.94 0.48 -13.66
N LYS A 253 9.36 -0.67 -13.34
CA LYS A 253 8.06 -1.04 -13.87
C LYS A 253 7.16 -1.66 -12.81
N SER A 254 5.87 -1.64 -13.11
CA SER A 254 4.89 -2.32 -12.30
C SER A 254 3.75 -2.74 -13.20
N VAL A 255 3.14 -3.88 -12.87
CA VAL A 255 1.90 -4.30 -13.48
C VAL A 255 0.76 -3.49 -12.86
N LYS A 256 -0.13 -2.93 -13.67
CA LYS A 256 -1.21 -2.10 -13.13
C LYS A 256 -2.52 -2.82 -13.34
N PRO A 257 -3.31 -3.00 -12.27
CA PRO A 257 -4.69 -3.46 -12.53
C PRO A 257 -5.50 -2.35 -13.19
N THR A 258 -6.37 -2.72 -14.11
CA THR A 258 -7.24 -1.77 -14.77
C THR A 258 -8.63 -2.37 -14.94
N ILE A 259 -9.65 -1.55 -14.75
CA ILE A 259 -11.03 -1.97 -14.90
C ILE A 259 -11.45 -1.69 -16.35
N LEU A 260 -11.90 -2.73 -17.05
CA LEU A 260 -12.46 -2.61 -18.40
C LEU A 260 -13.97 -2.67 -18.24
N ASP A 261 -14.75 -1.85 -18.95
CA ASP A 261 -16.18 -1.81 -18.61
C ASP A 261 -17.21 -1.44 -19.71
N GLU A 262 -17.26 -2.09 -20.89
CA GLU A 262 -16.97 -3.52 -21.18
C GLU A 262 -18.01 -4.47 -20.55
N GLY A 263 -19.27 -4.31 -21.01
CA GLY A 263 -20.39 -5.13 -20.57
C GLY A 263 -20.46 -5.33 -19.07
N GLU A 264 -20.17 -6.55 -18.64
CA GLU A 264 -20.14 -6.93 -17.22
C GLU A 264 -19.08 -6.18 -16.42
N GLY A 265 -17.92 -5.96 -17.04
CA GLY A 265 -16.72 -5.50 -16.35
C GLY A 265 -15.79 -6.67 -16.05
N ARG A 266 -14.49 -6.40 -16.17
CA ARG A 266 -13.45 -7.27 -15.61
C ARG A 266 -12.28 -6.39 -15.20
N VAL A 267 -11.36 -6.96 -14.42
CA VAL A 267 -10.10 -6.30 -14.13
C VAL A 267 -8.97 -7.11 -14.73
N ILE A 268 -8.20 -6.46 -15.60
CA ILE A 268 -6.99 -7.05 -16.16
C ILE A 268 -5.75 -6.44 -15.52
N LEU A 269 -4.65 -7.17 -15.61
CA LEU A 269 -3.34 -6.69 -15.17
C LEU A 269 -2.55 -6.28 -16.41
N SER A 270 -2.08 -5.03 -16.44
CA SER A 270 -1.31 -4.55 -17.59
C SER A 270 0.02 -5.29 -17.71
N VAL A 271 0.62 -5.22 -18.89
CA VAL A 271 2.01 -5.66 -19.03
C VAL A 271 2.82 -4.69 -18.16
N PRO A 272 3.99 -5.12 -17.67
CA PRO A 272 4.73 -4.17 -16.85
C PRO A 272 4.98 -2.86 -17.60
N SER A 273 4.71 -1.74 -16.93
CA SER A 273 4.91 -0.42 -17.49
C SER A 273 5.53 0.55 -16.49
N ALA A 274 6.08 1.63 -17.03
CA ALA A 274 6.88 2.58 -16.28
C ALA A 274 6.14 3.05 -15.02
N ILE A 275 6.89 3.13 -13.93
CA ILE A 275 6.42 3.67 -12.67
C ILE A 275 6.61 5.18 -12.64
N THR A 276 6.01 5.82 -11.64
CA THR A 276 6.15 7.26 -11.50
C THR A 276 7.53 7.61 -10.96
N SER A 277 7.90 8.87 -11.13
CA SER A 277 9.15 9.38 -10.56
C SER A 277 9.16 9.28 -9.03
N ALA A 278 8.00 9.51 -8.40
CA ALA A 278 7.85 9.37 -6.97
C ALA A 278 8.10 7.95 -6.54
N SER A 279 7.54 6.98 -7.25
CA SER A 279 7.76 5.59 -6.91
C SER A 279 9.24 5.22 -7.09
N ALA A 280 9.83 5.65 -8.20
CA ALA A 280 11.27 5.41 -8.44
C ALA A 280 12.16 5.95 -7.30
N ALA A 281 11.83 7.14 -6.79
CA ALA A 281 12.55 7.74 -5.67
C ALA A 281 12.42 6.91 -4.38
N GLN A 282 11.22 6.39 -4.14
CA GLN A 282 10.96 5.51 -3.00
C GLN A 282 11.71 4.18 -3.12
N ARG A 283 11.79 3.61 -4.33
CA ARG A 283 12.55 2.35 -4.49
C ARG A 283 14.03 2.59 -4.27
N ARG A 284 14.54 3.63 -4.90
CA ARG A 284 15.94 4.03 -4.71
C ARG A 284 16.25 4.35 -3.26
N GLY A 285 15.27 4.88 -2.55
CA GLY A 285 15.44 5.36 -1.19
C GLY A 285 15.62 4.26 -0.17
N ARG A 286 15.57 3.00 -0.60
CA ARG A 286 15.97 1.88 0.27
C ARG A 286 17.47 1.92 0.57
N VAL A 287 18.26 2.62 -0.26
CA VAL A 287 19.69 2.79 -0.03
C VAL A 287 20.06 4.28 0.07
N GLY A 288 21.33 4.57 0.36
CA GLY A 288 21.80 5.93 0.55
C GLY A 288 21.46 6.51 1.91
N ARG A 289 21.08 5.65 2.86
CA ARG A 289 20.57 6.11 4.16
C ARG A 289 21.59 6.29 5.25
N ASN A 290 22.72 5.59 5.13
CA ASN A 290 23.68 5.48 6.23
C ASN A 290 24.99 6.17 5.87
N PRO A 291 25.27 7.34 6.48
CA PRO A 291 26.49 8.10 6.19
C PRO A 291 27.81 7.32 6.36
N SER A 292 27.80 6.30 7.21
CA SER A 292 28.99 5.47 7.39
C SER A 292 29.14 4.37 6.33
N GLN A 293 28.17 4.24 5.44
CA GLN A 293 28.23 3.21 4.40
C GLN A 293 28.30 3.87 3.04
N ILE A 294 29.49 3.84 2.43
CA ILE A 294 29.66 4.44 1.11
C ILE A 294 29.60 3.37 0.02
N GLY A 295 29.29 3.80 -1.19
CA GLY A 295 29.29 2.89 -2.34
C GLY A 295 27.95 2.21 -2.64
N ASP A 296 26.85 2.67 -2.01
CA ASP A 296 25.52 2.14 -2.33
C ASP A 296 25.26 2.39 -3.83
N GLU A 297 24.58 1.43 -4.47
CA GLU A 297 24.27 1.48 -5.89
C GLU A 297 22.78 1.40 -6.12
N TYR A 298 22.31 2.10 -7.13
CA TYR A 298 20.92 2.00 -7.56
C TYR A 298 20.95 1.79 -9.05
N HIS A 299 20.48 0.61 -9.48
CA HIS A 299 20.44 0.24 -10.89
C HIS A 299 19.01 0.34 -11.39
N TYR A 300 18.80 1.14 -12.44
CA TYR A 300 17.45 1.38 -12.95
C TYR A 300 17.34 0.94 -14.39
N GLY A 301 16.25 0.23 -14.67
CA GLY A 301 16.09 -0.50 -15.91
C GLY A 301 15.21 0.17 -16.95
N GLY A 302 14.79 1.39 -16.68
CA GLY A 302 13.89 2.10 -17.58
C GLY A 302 13.50 3.46 -17.07
N GLY A 303 12.74 4.20 -17.88
CA GLY A 303 12.33 5.55 -17.54
C GLY A 303 11.13 5.56 -16.60
N THR A 304 10.64 6.75 -16.31
CA THR A 304 9.45 6.92 -15.46
C THR A 304 8.34 7.59 -16.29
N SER A 305 7.10 7.48 -15.80
CA SER A 305 5.95 8.14 -16.44
C SER A 305 4.96 8.53 -15.36
N GLU A 306 4.43 9.73 -15.47
CA GLU A 306 3.56 10.28 -14.44
C GLU A 306 2.09 9.92 -14.60
N ASP A 307 1.72 9.35 -15.75
CA ASP A 307 0.32 9.08 -16.01
C ASP A 307 -0.09 7.73 -15.42
N ASP A 308 -0.72 7.77 -14.26
CA ASP A 308 -1.25 6.55 -13.64
C ASP A 308 -2.78 6.59 -13.50
N THR A 309 -3.41 7.45 -14.29
CA THR A 309 -4.86 7.64 -14.21
C THR A 309 -5.67 6.37 -14.51
N MET A 310 -5.04 5.38 -15.13
CA MET A 310 -5.69 4.11 -15.50
C MET A 310 -5.63 3.05 -14.38
N LEU A 311 -5.01 3.38 -13.25
CA LEU A 311 -4.92 2.45 -12.13
C LEU A 311 -6.31 2.25 -11.53
N ALA A 312 -6.68 0.98 -11.30
CA ALA A 312 -7.98 0.62 -10.74
C ALA A 312 -8.16 1.19 -9.34
N HIS A 313 -7.05 1.38 -8.61
CA HIS A 313 -7.12 1.85 -7.23
C HIS A 313 -7.88 3.14 -7.06
N TRP A 314 -7.83 4.01 -8.06
CA TRP A 314 -8.50 5.33 -7.98
C TRP A 314 -10.01 5.17 -7.92
N THR A 315 -10.54 4.34 -8.82
CA THR A 315 -11.94 3.97 -8.81
C THR A 315 -12.28 3.18 -7.55
N GLU A 316 -11.42 2.25 -7.17
CA GLU A 316 -11.68 1.44 -5.99
C GLU A 316 -11.73 2.29 -4.72
N ALA A 317 -10.85 3.30 -4.63
CA ALA A 317 -10.86 4.24 -3.52
C ALA A 317 -12.22 4.91 -3.35
N LYS A 318 -12.82 5.33 -4.46
CA LYS A 318 -14.11 6.01 -4.38
C LYS A 318 -15.29 5.04 -4.20
N ILE A 319 -15.12 3.77 -4.54
CA ILE A 319 -16.09 2.74 -4.15
C ILE A 319 -16.10 2.62 -2.63
N LEU A 320 -14.90 2.58 -2.04
CA LEU A 320 -14.76 2.57 -0.59
C LEU A 320 -15.33 3.85 0.00
N LEU A 321 -14.96 4.99 -0.58
CA LEU A 321 -15.36 6.29 -0.07
C LEU A 321 -16.88 6.52 -0.14
N ASP A 322 -17.52 6.02 -1.19
CA ASP A 322 -18.99 6.08 -1.31
C ASP A 322 -19.74 5.25 -0.25
N ASN A 323 -19.01 4.43 0.49
CA ASN A 323 -19.58 3.57 1.53
C ASN A 323 -19.07 3.90 2.94
N ILE A 324 -18.74 5.16 3.15
CA ILE A 324 -18.39 5.68 4.47
C ILE A 324 -19.41 6.73 4.87
N HIS A 325 -20.19 6.48 5.94
CA HIS A 325 -21.24 7.43 6.35
C HIS A 325 -20.63 8.61 7.12
N LEU A 326 -20.85 9.82 6.59
CA LEU A 326 -20.27 11.04 7.18
C LEU A 326 -21.32 11.74 8.04
N PRO A 327 -20.95 12.16 9.27
CA PRO A 327 -21.87 12.75 10.25
C PRO A 327 -22.97 13.67 9.70
N ASN A 328 -22.67 14.95 9.49
CA ASN A 328 -23.72 15.93 9.22
C ASN A 328 -23.67 16.48 7.79
N GLY A 329 -24.11 15.66 6.86
CA GLY A 329 -24.29 16.07 5.47
C GLY A 329 -23.04 16.13 4.62
N LEU A 330 -21.87 15.93 5.25
CA LEU A 330 -20.59 16.01 4.53
C LEU A 330 -20.52 14.97 3.39
N VAL A 331 -20.19 15.45 2.19
CA VAL A 331 -20.01 14.58 1.03
C VAL A 331 -18.52 14.46 0.73
N ALA A 332 -18.01 13.24 0.80
CA ALA A 332 -16.59 12.98 0.69
C ALA A 332 -16.09 13.16 -0.74
N GLN A 333 -14.95 13.82 -0.88
CA GLN A 333 -14.18 13.82 -2.10
C GLN A 333 -12.77 13.32 -1.77
N LEU A 334 -12.09 12.83 -2.79
CA LEU A 334 -10.70 12.41 -2.64
C LEU A 334 -9.84 13.59 -2.25
N TYR A 335 -8.67 13.28 -1.69
CA TYR A 335 -7.70 14.30 -1.34
C TYR A 335 -7.26 15.05 -2.60
N GLY A 336 -7.20 16.38 -2.49
CA GLY A 336 -7.02 17.29 -3.64
C GLY A 336 -6.13 16.80 -4.77
N PRO A 337 -4.84 16.55 -4.48
CA PRO A 337 -3.92 16.04 -5.51
C PRO A 337 -4.34 14.72 -6.18
N GLU A 338 -5.30 14.01 -5.60
CA GLU A 338 -5.76 12.72 -6.12
C GLU A 338 -7.15 12.77 -6.76
N ARG A 339 -7.76 13.95 -6.78
CA ARG A 339 -9.15 14.10 -7.23
C ARG A 339 -9.38 13.95 -8.72
N ASP A 340 -8.37 14.31 -9.52
CA ASP A 340 -8.51 14.34 -10.98
C ASP A 340 -8.13 13.04 -11.67
N LYS A 341 -7.65 12.06 -10.91
CA LYS A 341 -7.18 10.79 -11.47
C LYS A 341 -8.30 10.08 -12.23
N THR A 342 -9.49 10.09 -11.64
CA THR A 342 -10.74 9.75 -12.33
C THR A 342 -11.85 10.59 -11.68
N TYR A 343 -13.11 10.29 -12.01
CA TYR A 343 -14.25 10.74 -11.19
C TYR A 343 -15.59 10.42 -11.89
N THR A 344 -16.56 10.00 -11.10
CA THR A 344 -17.91 9.70 -11.57
C THR A 344 -18.91 10.50 -10.73
N MET A 345 -20.21 10.20 -10.90
CA MET A 345 -21.26 10.74 -10.04
C MET A 345 -20.97 10.39 -8.58
N ASP A 346 -20.99 11.38 -7.71
CA ASP A 346 -20.69 11.15 -6.29
C ASP A 346 -21.84 10.34 -5.67
N GLY A 347 -21.48 9.29 -4.94
CA GLY A 347 -22.47 8.38 -4.36
C GLY A 347 -22.84 7.21 -5.26
N GLU A 348 -22.21 7.11 -6.43
CA GLU A 348 -22.56 6.08 -7.42
C GLU A 348 -22.37 4.65 -6.89
N TYR A 349 -21.36 4.43 -6.06
CA TYR A 349 -21.06 3.10 -5.53
C TYR A 349 -21.64 2.83 -4.14
N ARG A 350 -22.42 3.78 -3.61
CA ARG A 350 -23.02 3.63 -2.29
C ARG A 350 -23.98 2.43 -2.24
N LEU A 351 -23.80 1.59 -1.23
CA LEU A 351 -24.60 0.39 -1.04
C LEU A 351 -25.52 0.54 0.16
N ARG A 352 -26.59 -0.24 0.16
CA ARG A 352 -27.51 -0.33 1.30
C ARG A 352 -26.84 -1.11 2.42
N GLY A 353 -27.48 -1.17 3.58
CA GLY A 353 -26.87 -1.72 4.79
C GLY A 353 -26.31 -3.13 4.66
N GLU A 354 -27.18 -4.09 4.37
CA GLU A 354 -26.79 -5.50 4.31
C GLU A 354 -25.75 -5.78 3.21
N GLU A 355 -25.86 -5.07 2.09
CA GLU A 355 -24.92 -5.23 0.98
C GLU A 355 -23.54 -4.68 1.34
N ARG A 356 -23.53 -3.49 1.96
CA ARG A 356 -22.30 -2.89 2.44
C ARG A 356 -21.62 -3.75 3.50
N LYS A 357 -22.40 -4.43 4.34
CA LYS A 357 -21.86 -5.34 5.34
C LYS A 357 -21.21 -6.54 4.67
N THR A 358 -21.86 -7.06 3.62
CA THR A 358 -21.28 -8.15 2.84
C THR A 358 -20.01 -7.68 2.13
N PHE A 359 -20.09 -6.45 1.62
CA PHE A 359 -18.97 -5.83 0.91
C PHE A 359 -17.75 -5.72 1.81
N LEU A 360 -17.95 -5.12 2.98
CA LEU A 360 -16.87 -4.95 3.94
C LEU A 360 -16.25 -6.30 4.33
N GLU A 361 -17.08 -7.32 4.52
CA GLU A 361 -16.58 -8.63 4.92
C GLU A 361 -15.79 -9.33 3.79
N LEU A 362 -16.22 -9.14 2.55
CA LEU A 362 -15.50 -9.67 1.40
C LEU A 362 -14.08 -9.07 1.29
N ILE A 363 -14.00 -7.75 1.42
CA ILE A 363 -12.71 -7.08 1.38
C ILE A 363 -11.89 -7.34 2.65
N LYS A 364 -12.51 -7.17 3.81
CA LYS A 364 -11.81 -7.21 5.10
C LYS A 364 -11.45 -8.62 5.55
N THR A 365 -12.35 -9.59 5.33
CA THR A 365 -12.13 -10.95 5.80
C THR A 365 -11.70 -11.93 4.70
N ALA A 366 -12.32 -11.82 3.53
CA ALA A 366 -12.01 -12.71 2.40
C ALA A 366 -10.79 -12.22 1.61
N ASP A 367 -10.38 -10.97 1.85
CA ASP A 367 -9.24 -10.37 1.14
C ASP A 367 -9.45 -10.34 -0.39
N LEU A 368 -10.70 -10.24 -0.82
CA LEU A 368 -11.00 -10.06 -2.24
C LEU A 368 -10.65 -8.63 -2.64
N PRO A 369 -10.21 -8.43 -3.89
CA PRO A 369 -10.04 -7.05 -4.35
C PRO A 369 -11.33 -6.25 -4.21
N VAL A 370 -11.20 -4.96 -4.00
CA VAL A 370 -12.34 -4.08 -3.72
C VAL A 370 -13.35 -4.10 -4.87
N TRP A 371 -12.85 -4.04 -6.10
CA TRP A 371 -13.72 -4.10 -7.27
C TRP A 371 -14.55 -5.38 -7.31
N LEU A 372 -13.88 -6.53 -7.14
CA LEU A 372 -14.56 -7.83 -7.21
C LEU A 372 -15.55 -8.01 -6.04
N ALA A 373 -15.13 -7.58 -4.85
CA ALA A 373 -16.00 -7.58 -3.67
C ALA A 373 -17.22 -6.72 -3.94
N TYR A 374 -17.02 -5.60 -4.62
CA TYR A 374 -18.13 -4.70 -4.94
C TYR A 374 -19.09 -5.38 -5.91
N LYS A 375 -18.55 -6.04 -6.93
CA LYS A 375 -19.37 -6.73 -7.94
C LYS A 375 -20.26 -7.79 -7.30
N VAL A 376 -19.69 -8.52 -6.35
CA VAL A 376 -20.38 -9.60 -5.65
C VAL A 376 -21.45 -9.04 -4.74
N ALA A 377 -21.07 -8.04 -3.95
CA ALA A 377 -21.99 -7.40 -3.00
C ALA A 377 -23.10 -6.60 -3.70
N SER A 378 -22.75 -5.94 -4.79
CA SER A 378 -23.69 -5.12 -5.56
C SER A 378 -24.78 -5.96 -6.23
N ASN A 379 -24.59 -7.28 -6.29
CA ASN A 379 -25.55 -8.20 -6.90
C ASN A 379 -26.32 -9.04 -5.89
N GLY A 380 -26.45 -8.55 -4.66
CA GLY A 380 -27.24 -9.20 -3.63
C GLY A 380 -26.72 -10.55 -3.15
N ILE A 381 -25.50 -10.91 -3.53
CA ILE A 381 -24.92 -12.19 -3.11
C ILE A 381 -24.50 -12.11 -1.65
N GLN A 382 -24.78 -13.18 -0.90
CA GLN A 382 -24.40 -13.24 0.50
C GLN A 382 -22.96 -13.69 0.62
N TYR A 383 -22.28 -13.23 1.67
CA TYR A 383 -20.85 -13.50 1.84
C TYR A 383 -20.55 -14.97 1.62
N ASN A 384 -21.35 -15.85 2.23
CA ASN A 384 -21.11 -17.30 2.18
C ASN A 384 -21.58 -18.00 0.91
N ASP A 385 -22.29 -17.27 0.04
CA ASP A 385 -22.82 -17.82 -1.22
C ASP A 385 -21.76 -17.77 -2.33
N ARG A 386 -21.08 -18.90 -2.56
CA ARG A 386 -19.98 -18.99 -3.54
C ARG A 386 -20.44 -19.34 -4.94
N LYS A 387 -21.75 -19.37 -5.18
CA LYS A 387 -22.30 -19.83 -6.46
C LYS A 387 -21.83 -18.99 -7.65
N TRP A 388 -21.57 -17.71 -7.41
CA TRP A 388 -21.02 -16.80 -8.44
C TRP A 388 -19.64 -17.24 -8.93
N CYS A 389 -18.92 -18.00 -8.11
CA CYS A 389 -17.60 -18.51 -8.48
C CYS A 389 -17.64 -19.62 -9.51
N PHE A 390 -18.82 -20.13 -9.85
CA PHE A 390 -18.95 -21.32 -10.70
C PHE A 390 -19.95 -21.24 -11.85
N ASP A 391 -20.85 -20.24 -11.83
CA ASP A 391 -21.93 -20.17 -12.81
C ASP A 391 -21.76 -18.98 -13.77
N GLY A 392 -20.52 -18.54 -13.96
CA GLY A 392 -20.22 -17.42 -14.85
C GLY A 392 -20.27 -17.82 -16.31
N PRO A 393 -19.93 -16.87 -17.21
CA PRO A 393 -19.79 -17.16 -18.64
C PRO A 393 -18.70 -18.19 -18.93
N ARG A 394 -18.72 -18.71 -20.16
CA ARG A 394 -17.70 -19.66 -20.62
C ARG A 394 -16.31 -19.04 -20.68
N SER A 395 -16.25 -17.80 -21.15
CA SER A 395 -15.00 -17.06 -21.29
C SER A 395 -14.27 -16.86 -19.96
N ASN A 396 -15.00 -16.98 -18.85
CA ASN A 396 -14.44 -16.75 -17.53
C ASN A 396 -13.80 -17.99 -16.87
N ILE A 397 -13.63 -19.09 -17.61
CA ILE A 397 -12.93 -20.25 -17.07
C ILE A 397 -11.48 -19.92 -16.73
N ILE A 398 -11.05 -20.27 -15.52
CA ILE A 398 -9.71 -19.93 -15.04
C ILE A 398 -8.77 -21.12 -15.19
N LEU A 399 -7.57 -20.86 -15.71
CA LEU A 399 -6.60 -21.90 -16.03
C LEU A 399 -5.25 -21.70 -15.35
N GLU A 400 -4.73 -22.79 -14.75
CA GLU A 400 -3.42 -22.79 -14.10
C GLU A 400 -2.51 -23.71 -14.90
N ASP A 401 -1.50 -23.12 -15.55
CA ASP A 401 -0.69 -23.83 -16.54
C ASP A 401 -1.56 -24.30 -17.71
N ASN A 402 -2.57 -23.49 -18.06
CA ASN A 402 -3.44 -23.75 -19.21
C ASN A 402 -4.26 -25.05 -19.09
N ASN A 403 -4.95 -25.25 -17.97
CA ASN A 403 -5.42 -26.60 -17.59
C ASN A 403 -6.83 -27.11 -18.02
N GLU A 404 -7.91 -26.96 -17.24
CA GLU A 404 -8.14 -25.97 -16.18
C GLU A 404 -8.17 -26.61 -14.77
N VAL A 405 -8.70 -25.90 -13.78
CA VAL A 405 -8.67 -26.39 -12.39
C VAL A 405 -10.01 -26.17 -11.65
N GLU A 406 -10.29 -27.03 -10.67
CA GLU A 406 -11.48 -26.90 -9.84
C GLU A 406 -11.35 -27.72 -8.54
N LYS A 418 -17.30 -20.69 -14.14
CA LYS A 418 -16.79 -19.72 -13.17
C LYS A 418 -16.04 -18.61 -13.85
N PRO A 419 -15.78 -17.51 -13.12
CA PRO A 419 -16.63 -16.89 -12.11
C PRO A 419 -17.51 -15.89 -12.84
N ARG A 420 -18.54 -15.36 -12.20
CA ARG A 420 -19.39 -14.37 -12.84
C ARG A 420 -18.57 -13.19 -13.36
N TRP A 421 -17.61 -12.72 -12.57
CA TRP A 421 -16.76 -11.60 -12.95
C TRP A 421 -15.29 -11.97 -12.78
N LEU A 422 -14.44 -11.48 -13.67
CA LEU A 422 -13.02 -11.80 -13.64
C LEU A 422 -12.19 -10.63 -13.13
N ASP A 423 -11.44 -10.89 -12.06
CA ASP A 423 -10.44 -9.95 -11.56
C ASP A 423 -9.09 -10.68 -11.63
N ALA A 424 -8.27 -10.30 -12.61
CA ALA A 424 -6.95 -10.94 -12.84
C ALA A 424 -6.06 -11.02 -11.59
N ARG A 425 -6.30 -10.16 -10.59
CA ARG A 425 -5.53 -10.19 -9.34
C ARG A 425 -5.72 -11.43 -8.45
N VAL A 426 -6.76 -12.24 -8.73
CA VAL A 426 -7.04 -13.40 -7.88
C VAL A 426 -6.47 -14.71 -8.45
N TYR A 427 -6.02 -14.68 -9.71
CA TYR A 427 -5.51 -15.89 -10.34
C TYR A 427 -4.23 -15.68 -11.18
N SER A 428 -3.54 -14.57 -11.01
CA SER A 428 -2.38 -14.30 -11.85
C SER A 428 -1.04 -14.74 -11.24
N ASP A 429 -1.08 -15.38 -10.07
CA ASP A 429 0.10 -16.04 -9.52
C ASP A 429 -0.24 -17.18 -8.56
N HIS A 430 0.78 -17.96 -8.22
CA HIS A 430 0.64 -19.15 -7.38
C HIS A 430 0.02 -18.90 -6.01
N GLN A 431 0.52 -17.89 -5.30
CA GLN A 431 0.02 -17.56 -3.95
C GLN A 431 -1.45 -17.13 -3.98
N SER A 432 -1.81 -16.34 -5.00
CA SER A 432 -3.12 -15.72 -5.09
C SER A 432 -4.18 -16.71 -5.56
N LEU A 433 -3.83 -17.53 -6.54
CA LEU A 433 -4.76 -18.54 -7.06
C LEU A 433 -5.02 -19.58 -5.98
N LYS A 434 -3.97 -19.99 -5.28
CA LYS A 434 -4.08 -20.90 -4.15
C LYS A 434 -5.08 -20.40 -3.10
N TRP A 435 -5.10 -19.08 -2.90
CA TRP A 435 -6.01 -18.43 -1.96
C TRP A 435 -7.43 -18.32 -2.50
N PHE A 436 -7.57 -17.99 -3.77
CA PHE A 436 -8.88 -17.83 -4.40
C PHE A 436 -9.61 -19.18 -4.55
N LYS A 437 -8.86 -20.23 -4.86
CA LYS A 437 -9.40 -21.59 -4.92
C LYS A 437 -9.93 -22.01 -3.54
N ASP A 438 -9.13 -21.75 -2.51
CA ASP A 438 -9.54 -22.00 -1.14
C ASP A 438 -10.79 -21.19 -0.81
N PHE A 439 -10.78 -19.90 -1.13
CA PHE A 439 -11.98 -19.07 -0.98
C PHE A 439 -13.21 -19.68 -1.64
N ALA A 440 -13.03 -20.30 -2.81
CA ALA A 440 -14.13 -20.98 -3.50
C ALA A 440 -14.79 -22.08 -2.65
N ALA A 441 -14.06 -22.61 -1.67
CA ALA A 441 -14.61 -23.60 -0.73
C ALA A 441 -15.61 -22.98 0.28
N GLY A 442 -15.29 -22.79 1.57
CA GLY A 442 -13.95 -22.79 2.16
C GLY A 442 -13.33 -21.42 1.92
N LYS A 443 -12.07 -21.18 2.31
CA LYS A 443 -11.25 -21.98 3.24
C LYS A 443 -11.40 -23.50 3.17
#